data_2MYL
#
_entry.id   2MYL
#
_entity_poly.entity_id   1
_entity_poly.type   'polypeptide(L)'
_entity_poly.pdbx_seq_one_letter_code
;NSGLSFE(MK8)LYR(MK8)AYTMVLHK
;
_entity_poly.pdbx_strand_id   A
#
# COMPACT_ATOMS: atom_id res chain seq x y z
N ASN A 1 -16.99 -3.74 3.82
CA ASN A 1 -15.54 -3.69 3.89
C ASN A 1 -14.92 -3.91 2.52
N SER A 2 -14.63 -2.82 1.81
CA SER A 2 -14.03 -2.89 0.49
C SER A 2 -12.52 -3.04 0.57
N GLY A 3 -11.94 -2.43 1.61
CA GLY A 3 -10.50 -2.50 1.79
C GLY A 3 -9.76 -1.44 1.00
N LEU A 4 -10.45 -0.35 0.71
CA LEU A 4 -9.85 0.75 -0.05
C LEU A 4 -8.72 1.39 0.73
N SER A 5 -8.88 1.49 2.04
CA SER A 5 -7.87 2.09 2.90
C SER A 5 -6.91 1.02 3.43
N PHE A 6 -7.12 -0.21 2.99
CA PHE A 6 -6.28 -1.32 3.42
C PHE A 6 -5.56 -1.94 2.22
N GLU A 7 -5.84 -1.43 1.04
CA GLU A 7 -5.22 -1.93 -0.19
C GLU A 7 -4.18 -0.94 -0.72
N LEU A 9 -2.88 0.96 1.26
CA LEU A 9 -2.12 0.98 2.50
C LEU A 9 -1.10 -0.15 2.53
N TYR A 10 -1.14 -1.00 1.51
CA TYR A 10 -0.21 -2.13 1.41
C TYR A 10 0.53 -2.12 0.07
N ARG A 11 -0.01 -1.36 -0.88
CA ARG A 11 0.59 -1.27 -2.21
C ARG A 11 1.28 0.08 -2.39
N ALA A 13 2.44 1.60 -0.12
CA ALA A 13 3.52 1.36 0.83
C ALA A 13 4.63 0.54 0.19
N TYR A 14 4.31 -0.68 -0.23
CA TYR A 14 5.29 -1.56 -0.85
C TYR A 14 6.00 -0.85 -2.00
N THR A 15 5.32 0.11 -2.61
CA THR A 15 5.89 0.86 -3.72
C THR A 15 6.84 1.95 -3.22
N MET A 16 6.55 2.49 -2.05
CA MET A 16 7.38 3.54 -1.47
C MET A 16 8.62 2.93 -0.80
N VAL A 17 8.58 1.62 -0.58
CA VAL A 17 9.70 0.93 0.04
C VAL A 17 10.79 0.61 -0.97
N LEU A 18 10.38 0.20 -2.16
CA LEU A 18 11.33 -0.14 -3.22
C LEU A 18 12.10 1.09 -3.67
N HIS A 19 11.43 2.24 -3.68
CA HIS A 19 12.06 3.50 -4.07
C HIS A 19 12.79 4.13 -2.91
N LYS A 20 12.16 4.12 -1.74
CA LYS A 20 12.75 4.70 -0.53
C LYS A 20 13.30 6.09 -0.82
N ASN A 1 -15.91 -3.53 3.89
CA ASN A 1 -15.12 -4.69 3.49
C ASN A 1 -14.51 -4.47 2.11
N SER A 2 -14.27 -3.21 1.77
CA SER A 2 -13.68 -2.87 0.47
C SER A 2 -12.16 -2.98 0.51
N GLY A 3 -11.57 -2.59 1.64
CA GLY A 3 -10.13 -2.65 1.79
C GLY A 3 -9.42 -1.54 1.04
N LEU A 4 -10.11 -0.42 0.86
CA LEU A 4 -9.54 0.72 0.15
C LEU A 4 -8.37 1.32 0.93
N SER A 5 -8.51 1.34 2.25
CA SER A 5 -7.46 1.88 3.12
C SER A 5 -6.48 0.78 3.54
N PHE A 6 -6.70 -0.42 3.03
CA PHE A 6 -5.85 -1.56 3.37
C PHE A 6 -5.17 -2.10 2.11
N GLU A 7 -5.49 -1.51 0.96
CA GLU A 7 -4.90 -1.93 -0.30
C GLU A 7 -3.90 -0.91 -0.81
N LEU A 9 -2.53 0.88 1.23
CA LEU A 9 -1.73 0.82 2.46
C LEU A 9 -0.70 -0.31 2.38
N TYR A 10 -0.77 -1.09 1.31
CA TYR A 10 0.15 -2.21 1.11
C TYR A 10 0.84 -2.11 -0.25
N ARG A 11 0.27 -1.30 -1.13
CA ARG A 11 0.84 -1.12 -2.47
C ARG A 11 1.51 0.25 -2.59
N ALA A 13 2.73 1.63 -0.26
CA ALA A 13 3.84 1.33 0.64
C ALA A 13 4.95 0.56 -0.08
N TYR A 14 4.61 -0.63 -0.56
CA TYR A 14 5.58 -1.47 -1.27
C TYR A 14 6.26 -0.68 -2.38
N THR A 15 5.56 0.32 -2.91
CA THR A 15 6.09 1.14 -3.99
C THR A 15 7.05 2.19 -3.44
N MET A 16 6.79 2.67 -2.23
CA MET A 16 7.63 3.68 -1.60
C MET A 16 8.89 3.04 -1.02
N VAL A 17 8.87 1.73 -0.87
CA VAL A 17 10.01 1.00 -0.33
C VAL A 17 11.07 0.76 -1.40
N LEU A 18 10.63 0.40 -2.60
CA LEU A 18 11.54 0.13 -3.71
C LEU A 18 12.30 1.39 -4.09
N HIS A 19 11.64 2.53 -3.99
CA HIS A 19 12.26 3.81 -4.32
C HIS A 19 13.03 4.37 -3.13
N LYS A 20 12.45 4.23 -1.94
CA LYS A 20 13.07 4.73 -0.72
C LYS A 20 13.58 6.15 -0.90
N ASN A 1 -16.93 -4.51 3.26
CA ASN A 1 -15.48 -4.37 3.45
C ASN A 1 -14.75 -4.48 2.12
N SER A 2 -14.45 -3.33 1.52
CA SER A 2 -13.76 -3.28 0.24
C SER A 2 -12.26 -3.38 0.44
N GLY A 3 -11.71 -2.53 1.31
CA GLY A 3 -10.29 -2.54 1.58
C GLY A 3 -9.55 -1.46 0.81
N LEU A 4 -10.24 -0.35 0.55
CA LEU A 4 -9.64 0.76 -0.19
C LEU A 4 -8.49 1.38 0.61
N SER A 5 -8.68 1.47 1.92
CA SER A 5 -7.66 2.04 2.79
C SER A 5 -6.70 0.97 3.29
N PHE A 6 -6.91 -0.26 2.84
CA PHE A 6 -6.07 -1.38 3.24
C PHE A 6 -5.34 -1.97 2.04
N GLU A 7 -5.62 -1.44 0.87
CA GLU A 7 -5.00 -1.92 -0.36
C GLU A 7 -3.96 -0.92 -0.87
N LEU A 9 -2.67 0.95 1.14
CA LEU A 9 -1.91 0.95 2.38
C LEU A 9 -0.88 -0.19 2.39
N TYR A 10 -0.92 -1.01 1.36
CA TYR A 10 0.01 -2.13 1.25
C TYR A 10 0.75 -2.09 -0.09
N ARG A 11 0.22 -1.33 -1.03
CA ARG A 11 0.82 -1.21 -2.35
C ARG A 11 1.51 0.16 -2.51
N ALA A 13 2.65 1.64 -0.21
CA ALA A 13 3.72 1.38 0.74
C ALA A 13 4.85 0.57 0.10
N TYR A 14 4.52 -0.64 -0.35
CA TYR A 14 5.52 -1.50 -0.98
C TYR A 14 6.24 -0.77 -2.11
N THR A 15 5.57 0.22 -2.70
CA THR A 15 6.13 0.99 -3.79
C THR A 15 7.08 2.07 -3.26
N MET A 16 6.77 2.59 -2.08
CA MET A 16 7.60 3.62 -1.46
C MET A 16 8.84 3.02 -0.80
N VAL A 17 8.80 1.70 -0.61
CA VAL A 17 9.92 0.99 0.01
C VAL A 17 11.01 0.70 -1.01
N LEU A 18 10.61 0.30 -2.20
CA LEU A 18 11.56 -0.01 -3.27
C LEU A 18 12.35 1.22 -3.67
N HIS A 19 11.68 2.38 -3.66
CA HIS A 19 12.32 3.64 -4.01
C HIS A 19 13.05 4.25 -2.82
N LYS A 20 12.43 4.16 -1.65
CA LYS A 20 13.01 4.70 -0.43
C LYS A 20 13.53 6.11 -0.66
N ASN A 1 -15.74 -1.81 4.24
CA ASN A 1 -15.94 -3.23 3.99
C ASN A 1 -15.50 -3.60 2.58
N SER A 2 -14.21 -3.45 2.31
CA SER A 2 -13.66 -3.77 1.00
C SER A 2 -12.14 -3.93 1.07
N GLY A 3 -11.48 -3.00 1.76
CA GLY A 3 -10.04 -3.06 1.89
C GLY A 3 -9.34 -1.99 1.08
N LEU A 4 -10.07 -0.92 0.75
CA LEU A 4 -9.51 0.17 -0.03
C LEU A 4 -8.38 0.86 0.73
N SER A 5 -8.55 0.99 2.04
CA SER A 5 -7.53 1.64 2.87
C SER A 5 -6.54 0.61 3.41
N PHE A 6 -6.71 -0.65 3.00
CA PHE A 6 -5.84 -1.72 3.44
C PHE A 6 -5.10 -2.34 2.26
N GLU A 7 -5.42 -1.86 1.06
CA GLU A 7 -4.80 -2.37 -0.15
C GLU A 7 -3.80 -1.36 -0.71
N LEU A 9 -2.53 0.63 1.20
CA LEU A 9 -1.77 0.69 2.43
C LEU A 9 -0.71 -0.40 2.48
N TYR A 10 -0.72 -1.27 1.48
CA TYR A 10 0.24 -2.37 1.40
C TYR A 10 0.97 -2.36 0.05
N ARG A 11 0.39 -1.65 -0.91
CA ARG A 11 0.98 -1.57 -2.25
C ARG A 11 1.62 -0.20 -2.46
N ALA A 13 2.74 1.42 -0.24
CA ALA A 13 3.83 1.23 0.72
C ALA A 13 4.97 0.44 0.10
N TYR A 14 4.69 -0.80 -0.27
CA TYR A 14 5.70 -1.66 -0.88
C TYR A 14 6.37 -0.97 -2.06
N THR A 15 5.64 -0.06 -2.70
CA THR A 15 6.16 0.66 -3.84
C THR A 15 7.06 1.80 -3.40
N MET A 16 6.76 2.39 -2.25
CA MET A 16 7.55 3.49 -1.71
C MET A 16 8.82 2.97 -1.04
N VAL A 17 8.85 1.67 -0.78
CA VAL A 17 10.00 1.05 -0.13
C VAL A 17 11.10 0.74 -1.15
N LEU A 18 10.70 0.24 -2.31
CA LEU A 18 11.65 -0.09 -3.37
C LEU A 18 12.38 1.15 -3.86
N HIS A 19 11.67 2.28 -3.89
CA HIS A 19 12.25 3.53 -4.34
C HIS A 19 12.99 4.22 -3.20
N LYS A 20 12.35 4.27 -2.03
CA LYS A 20 12.95 4.90 -0.86
C LYS A 20 13.46 6.29 -1.19
N ASN A 1 -16.15 -5.68 4.44
CA ASN A 1 -15.46 -4.49 3.96
C ASN A 1 -15.06 -4.64 2.50
N SER A 2 -14.60 -3.55 1.90
CA SER A 2 -14.19 -3.57 0.49
C SER A 2 -12.69 -3.87 0.38
N GLY A 3 -11.87 -2.98 0.92
CA GLY A 3 -10.43 -3.17 0.86
C GLY A 3 -9.75 -2.13 -0.02
N LEU A 4 -10.13 -0.88 0.14
CA LEU A 4 -9.55 0.20 -0.65
C LEU A 4 -8.41 0.88 0.10
N SER A 5 -8.71 1.37 1.31
CA SER A 5 -7.71 2.03 2.13
C SER A 5 -6.60 1.06 2.54
N PHE A 6 -6.99 -0.15 2.92
CA PHE A 6 -6.04 -1.17 3.34
C PHE A 6 -5.21 -1.65 2.14
N GLU A 7 -5.74 -1.45 0.94
CA GLU A 7 -5.05 -1.87 -0.27
C GLU A 7 -4.01 -0.83 -0.69
N LEU A 9 -2.73 0.86 1.46
CA LEU A 9 -1.97 0.74 2.71
C LEU A 9 -0.94 -0.38 2.62
N TYR A 10 -0.95 -1.10 1.50
CA TYR A 10 -0.01 -2.20 1.28
C TYR A 10 0.71 -2.04 -0.05
N ARG A 11 0.17 -1.19 -0.92
CA ARG A 11 0.76 -0.95 -2.22
C ARG A 11 1.44 0.42 -2.27
N ALA A 13 2.72 1.67 0.06
CA ALA A 13 3.85 1.31 0.90
C ALA A 13 4.91 0.55 0.10
N TYR A 14 4.53 -0.61 -0.42
CA TYR A 14 5.44 -1.43 -1.20
C TYR A 14 6.08 -0.61 -2.32
N THR A 15 5.38 0.43 -2.76
CA THR A 15 5.88 1.29 -3.82
C THR A 15 6.89 2.30 -3.29
N MET A 16 6.69 2.72 -2.05
CA MET A 16 7.59 3.69 -1.41
C MET A 16 8.85 3.00 -0.91
N VAL A 17 8.82 1.68 -0.83
CA VAL A 17 9.96 0.90 -0.38
C VAL A 17 10.97 0.69 -1.50
N LEU A 18 10.46 0.39 -2.69
CA LEU A 18 11.31 0.17 -3.85
C LEU A 18 12.08 1.42 -4.21
N HIS A 19 11.46 2.58 -4.04
CA HIS A 19 12.09 3.85 -4.35
C HIS A 19 12.92 4.34 -3.16
N LYS A 20 12.39 4.16 -1.96
CA LYS A 20 13.09 4.58 -0.74
C LYS A 20 13.62 6.01 -0.89
N ASN A 1 -10.10 -4.11 5.75
CA ASN A 1 -11.52 -4.28 6.05
C ASN A 1 -12.38 -3.74 4.91
N SER A 2 -12.10 -2.51 4.49
CA SER A 2 -12.84 -1.88 3.41
C SER A 2 -12.49 -2.51 2.07
N GLY A 3 -11.25 -2.31 1.64
CA GLY A 3 -10.80 -2.87 0.37
C GLY A 3 -10.06 -1.84 -0.47
N LEU A 4 -10.51 -0.60 -0.43
CA LEU A 4 -9.89 0.47 -1.20
C LEU A 4 -8.82 1.18 -0.38
N SER A 5 -9.08 1.34 0.91
CA SER A 5 -8.15 2.01 1.81
C SER A 5 -7.22 1.00 2.47
N PHE A 6 -7.38 -0.27 2.11
CA PHE A 6 -6.55 -1.33 2.66
C PHE A 6 -5.73 -2.01 1.57
N GLU A 7 -5.95 -1.60 0.33
CA GLU A 7 -5.23 -2.17 -0.81
C GLU A 7 -4.17 -1.20 -1.32
N LEU A 9 -3.05 0.85 0.63
CA LEU A 9 -2.38 0.94 1.92
C LEU A 9 -1.34 -0.16 2.09
N TYR A 10 -1.29 -1.06 1.12
CA TYR A 10 -0.34 -2.17 1.17
C TYR A 10 0.49 -2.23 -0.11
N ARG A 11 0.02 -1.55 -1.14
CA ARG A 11 0.72 -1.52 -2.42
C ARG A 11 1.40 -0.18 -2.64
N ALA A 13 2.38 1.49 -0.39
CA ALA A 13 3.38 1.32 0.65
C ALA A 13 4.56 0.48 0.14
N TYR A 14 4.27 -0.77 -0.23
CA TYR A 14 5.30 -1.67 -0.73
C TYR A 14 6.07 -1.03 -1.87
N THR A 15 5.45 -0.07 -2.55
CA THR A 15 6.06 0.61 -3.66
C THR A 15 6.99 1.72 -3.18
N MET A 16 6.63 2.35 -2.07
CA MET A 16 7.42 3.42 -1.49
C MET A 16 8.60 2.87 -0.71
N VAL A 17 8.56 1.59 -0.39
CA VAL A 17 9.62 0.94 0.35
C VAL A 17 10.79 0.57 -0.57
N LEU A 18 10.47 0.08 -1.76
CA LEU A 18 11.48 -0.31 -2.73
C LEU A 18 12.28 0.91 -3.20
N HIS A 19 11.59 2.04 -3.34
CA HIS A 19 12.22 3.27 -3.77
C HIS A 19 12.86 4.01 -2.60
N LYS A 20 12.15 4.06 -1.48
CA LYS A 20 12.65 4.73 -0.29
C LYS A 20 13.18 6.11 -0.62
N ASN A 1 -16.93 -1.08 3.33
CA ASN A 1 -15.47 -1.12 3.42
C ASN A 1 -14.94 -2.52 3.14
N SER A 2 -14.41 -2.71 1.93
CA SER A 2 -13.88 -4.00 1.53
C SER A 2 -12.38 -4.08 1.81
N GLY A 3 -11.63 -3.18 1.17
CA GLY A 3 -10.19 -3.16 1.36
C GLY A 3 -9.52 -2.04 0.59
N LEU A 4 -10.23 -0.92 0.43
CA LEU A 4 -9.71 0.22 -0.30
C LEU A 4 -8.54 0.84 0.46
N SER A 5 -8.66 0.95 1.78
CA SER A 5 -7.62 1.52 2.60
C SER A 5 -6.61 0.46 3.04
N PHE A 6 -6.83 -0.77 2.56
CA PHE A 6 -5.94 -1.88 2.90
C PHE A 6 -5.26 -2.43 1.66
N GLU A 7 -5.60 -1.86 0.50
CA GLU A 7 -5.03 -2.29 -0.76
C GLU A 7 -4.02 -1.26 -1.29
N LEU A 9 -2.67 0.57 0.72
CA LEU A 9 -1.85 0.53 1.93
C LEU A 9 -0.82 -0.59 1.86
N TYR A 10 -0.90 -1.39 0.80
CA TYR A 10 0.02 -2.50 0.62
C TYR A 10 0.73 -2.41 -0.73
N ARG A 11 0.15 -1.62 -1.64
CA ARG A 11 0.73 -1.44 -2.97
C ARG A 11 1.38 -0.07 -3.10
N ALA A 13 2.41 1.41 -0.68
CA ALA A 13 3.43 1.16 0.34
C ALA A 13 4.63 0.44 -0.26
N TYR A 14 4.39 -0.76 -0.80
CA TYR A 14 5.45 -1.56 -1.40
C TYR A 14 6.24 -0.73 -2.42
N THR A 15 5.59 0.27 -2.98
CA THR A 15 6.22 1.12 -3.98
C THR A 15 7.09 2.18 -3.32
N MET A 16 6.68 2.63 -2.14
CA MET A 16 7.43 3.64 -1.40
C MET A 16 8.61 3.02 -0.67
N VAL A 17 8.60 1.69 -0.56
CA VAL A 17 9.68 0.97 0.12
C VAL A 17 10.87 0.77 -0.82
N LEU A 18 10.59 0.43 -2.07
CA LEU A 18 11.63 0.21 -3.06
C LEU A 18 12.40 1.49 -3.34
N HIS A 19 11.69 2.62 -3.33
CA HIS A 19 12.31 3.92 -3.57
C HIS A 19 12.91 4.49 -2.29
N LYS A 20 12.17 4.37 -1.20
CA LYS A 20 12.62 4.88 0.10
C LYS A 20 13.15 6.31 -0.03
N ASN A 1 -16.94 -2.49 4.50
CA ASN A 1 -15.93 -3.55 4.48
C ASN A 1 -15.48 -3.83 3.05
N SER A 2 -14.43 -3.12 2.62
CA SER A 2 -13.90 -3.30 1.27
C SER A 2 -12.39 -3.48 1.31
N GLY A 3 -11.70 -2.54 1.93
CA GLY A 3 -10.25 -2.61 2.01
C GLY A 3 -9.56 -1.57 1.15
N LEU A 4 -10.23 -0.45 0.91
CA LEU A 4 -9.68 0.61 0.10
C LEU A 4 -8.49 1.27 0.79
N SER A 5 -8.58 1.40 2.11
CA SER A 5 -7.50 2.01 2.89
C SER A 5 -6.53 0.95 3.38
N PHE A 6 -6.77 -0.30 3.00
CA PHE A 6 -5.91 -1.40 3.40
C PHE A 6 -5.25 -2.06 2.19
N GLU A 7 -5.62 -1.58 1.00
CA GLU A 7 -5.07 -2.12 -0.24
C GLU A 7 -4.06 -1.15 -0.85
N LEU A 9 -2.62 0.77 1.01
CA LEU A 9 -1.78 0.79 2.20
C LEU A 9 -0.79 -0.36 2.19
N TYR A 10 -0.90 -1.23 1.18
CA TYR A 10 -0.01 -2.36 1.07
C TYR A 10 0.66 -2.39 -0.31
N ARG A 11 0.09 -1.65 -1.25
CA ARG A 11 0.64 -1.58 -2.60
C ARG A 11 1.33 -0.24 -2.84
N ALA A 13 2.46 1.37 -0.55
CA ALA A 13 3.49 1.17 0.45
C ALA A 13 4.66 0.37 -0.11
N TYR A 14 4.39 -0.84 -0.55
CA TYR A 14 5.42 -1.71 -1.12
C TYR A 14 6.19 -0.98 -2.22
N THR A 15 5.55 0.00 -2.85
CA THR A 15 6.17 0.77 -3.91
C THR A 15 7.09 1.85 -3.34
N MET A 16 6.71 2.39 -2.19
CA MET A 16 7.49 3.43 -1.54
C MET A 16 8.68 2.83 -0.80
N VAL A 17 8.65 1.52 -0.58
CA VAL A 17 9.72 0.82 0.11
C VAL A 17 10.89 0.53 -0.83
N LEU A 18 10.57 0.11 -2.05
CA LEU A 18 11.59 -0.20 -3.04
C LEU A 18 12.37 1.06 -3.43
N HIS A 19 11.68 2.19 -3.48
CA HIS A 19 12.32 3.45 -3.82
C HIS A 19 12.96 4.10 -2.60
N LYS A 20 12.25 4.07 -1.47
CA LYS A 20 12.74 4.65 -0.24
C LYS A 20 13.29 6.06 -0.48
N ASN A 1 -13.06 -4.90 6.21
CA ASN A 1 -13.03 -3.60 5.54
C ASN A 1 -13.60 -3.71 4.13
N SER A 2 -13.85 -2.55 3.52
CA SER A 2 -14.41 -2.51 2.17
C SER A 2 -13.41 -3.05 1.14
N GLY A 3 -12.29 -2.35 1.00
CA GLY A 3 -11.27 -2.77 0.06
C GLY A 3 -10.71 -1.61 -0.74
N LEU A 4 -10.40 -0.51 -0.06
CA LEU A 4 -9.86 0.67 -0.71
C LEU A 4 -8.75 1.30 0.13
N SER A 5 -8.98 1.37 1.45
CA SER A 5 -8.01 1.96 2.36
C SER A 5 -7.07 0.88 2.90
N PHE A 6 -7.24 -0.34 2.42
CA PHE A 6 -6.40 -1.46 2.86
C PHE A 6 -5.62 -2.04 1.67
N GLU A 7 -5.91 -1.54 0.48
CA GLU A 7 -5.24 -2.01 -0.72
C GLU A 7 -4.21 -1.00 -1.20
N LEU A 9 -2.98 0.87 0.85
CA LEU A 9 -2.26 0.86 2.13
C LEU A 9 -1.22 -0.25 2.15
N TYR A 10 -1.22 -1.08 1.11
CA TYR A 10 -0.27 -2.18 1.02
C TYR A 10 0.50 -2.13 -0.29
N ARG A 11 -0.02 -1.36 -1.25
CA ARG A 11 0.63 -1.22 -2.55
C ARG A 11 1.31 0.14 -2.68
N ALA A 13 2.38 1.62 -0.34
CA ALA A 13 3.44 1.35 0.63
C ALA A 13 4.58 0.56 0.00
N TYR A 14 4.28 -0.65 -0.45
CA TYR A 14 5.27 -1.51 -1.08
C TYR A 14 6.00 -0.79 -2.20
N THR A 15 5.34 0.22 -2.76
CA THR A 15 5.91 1.01 -3.85
C THR A 15 6.85 2.09 -3.32
N MET A 16 6.54 2.61 -2.14
CA MET A 16 7.36 3.64 -1.52
C MET A 16 8.58 3.03 -0.85
N VAL A 17 8.55 1.73 -0.65
CA VAL A 17 9.67 1.02 -0.01
C VAL A 17 10.78 0.74 -1.01
N LEU A 18 10.39 0.33 -2.22
CA LEU A 18 11.36 0.03 -3.27
C LEU A 18 12.16 1.27 -3.64
N HIS A 19 11.49 2.42 -3.65
CA HIS A 19 12.14 3.69 -3.98
C HIS A 19 12.86 4.27 -2.77
N LYS A 20 12.19 4.26 -1.62
CA LYS A 20 12.76 4.78 -0.39
C LYS A 20 13.33 6.19 -0.61
N ASN A 1 -11.60 -1.95 8.12
CA ASN A 1 -11.27 -2.72 6.94
C ASN A 1 -12.37 -2.63 5.89
N SER A 2 -11.98 -2.35 4.65
CA SER A 2 -12.94 -2.23 3.55
C SER A 2 -12.40 -2.90 2.29
N GLY A 3 -11.29 -2.39 1.78
CA GLY A 3 -10.69 -2.94 0.58
C GLY A 3 -9.97 -1.90 -0.25
N LEU A 4 -10.59 -0.73 -0.40
CA LEU A 4 -10.00 0.34 -1.18
C LEU A 4 -8.93 1.08 -0.36
N SER A 5 -9.14 1.16 0.94
CA SER A 5 -8.19 1.83 1.83
C SER A 5 -7.25 0.83 2.48
N PHE A 6 -7.37 -0.43 2.08
CA PHE A 6 -6.53 -1.49 2.63
C PHE A 6 -5.64 -2.09 1.54
N GLU A 7 -5.99 -1.84 0.29
CA GLU A 7 -5.23 -2.35 -0.83
C GLU A 7 -4.19 -1.34 -1.30
N LEU A 9 -3.08 0.61 0.73
CA LEU A 9 -2.40 0.64 2.01
C LEU A 9 -1.34 -0.47 2.10
N TYR A 10 -1.30 -1.32 1.08
CA TYR A 10 -0.34 -2.42 1.04
C TYR A 10 0.46 -2.39 -0.25
N ARG A 11 -0.02 -1.65 -1.23
CA ARG A 11 0.65 -1.54 -2.51
C ARG A 11 1.33 -0.17 -2.66
N ALA A 13 2.32 1.38 -0.33
CA ALA A 13 3.34 1.14 0.68
C ALA A 13 4.52 0.35 0.11
N TYR A 14 4.24 -0.87 -0.33
CA TYR A 14 5.27 -1.73 -0.90
C TYR A 14 6.03 -1.00 -2.01
N THR A 15 5.37 -0.04 -2.64
CA THR A 15 5.98 0.73 -3.72
C THR A 15 6.89 1.83 -3.16
N MET A 16 6.52 2.36 -2.00
CA MET A 16 7.29 3.42 -1.37
C MET A 16 8.51 2.83 -0.64
N VAL A 17 8.49 1.53 -0.43
CA VAL A 17 9.58 0.84 0.26
C VAL A 17 10.73 0.56 -0.70
N LEU A 18 10.39 0.13 -1.91
CA LEU A 18 11.40 -0.19 -2.93
C LEU A 18 12.18 1.06 -3.32
N HIS A 19 11.49 2.20 -3.35
CA HIS A 19 12.13 3.46 -3.71
C HIS A 19 12.78 4.11 -2.49
N LYS A 20 12.10 4.02 -1.34
CA LYS A 20 12.62 4.60 -0.10
C LYS A 20 13.09 6.02 -0.32
N ASN A 1 -16.47 -5.27 3.61
CA ASN A 1 -15.78 -4.10 3.08
C ASN A 1 -15.08 -4.44 1.76
N SER A 2 -14.49 -3.43 1.13
CA SER A 2 -13.79 -3.62 -0.12
C SER A 2 -12.28 -3.74 0.10
N GLY A 3 -11.77 -2.93 1.03
CA GLY A 3 -10.35 -2.94 1.33
C GLY A 3 -9.60 -1.80 0.67
N LEU A 4 -10.27 -0.67 0.53
CA LEU A 4 -9.66 0.50 -0.09
C LEU A 4 -8.53 1.06 0.78
N SER A 5 -8.75 1.04 2.09
CA SER A 5 -7.77 1.54 3.04
C SER A 5 -6.82 0.44 3.48
N PHE A 6 -7.00 -0.75 2.91
CA PHE A 6 -6.17 -1.90 3.24
C PHE A 6 -5.41 -2.41 2.02
N GLU A 7 -5.67 -1.78 0.87
CA GLU A 7 -5.02 -2.17 -0.38
C GLU A 7 -4.00 -1.12 -0.80
N LEU A 9 -2.76 0.62 1.36
CA LEU A 9 -2.04 0.56 2.63
C LEU A 9 -0.96 -0.52 2.58
N TYR A 10 -0.95 -1.29 1.50
CA TYR A 10 0.04 -2.37 1.34
C TYR A 10 0.76 -2.23 0.01
N ARG A 11 0.20 -1.43 -0.90
CA ARG A 11 0.80 -1.21 -2.21
C ARG A 11 1.44 0.17 -2.29
N ALA A 13 2.67 1.51 0.04
CA ALA A 13 3.79 1.19 0.92
C ALA A 13 4.88 0.44 0.17
N TYR A 14 4.54 -0.76 -0.29
CA TYR A 14 5.50 -1.60 -1.02
C TYR A 14 6.13 -0.82 -2.17
N THR A 15 5.40 0.16 -2.70
CA THR A 15 5.88 0.99 -3.79
C THR A 15 6.84 2.06 -3.30
N MET A 16 6.60 2.55 -2.09
CA MET A 16 7.45 3.57 -1.49
C MET A 16 8.74 2.96 -0.94
N VAL A 17 8.75 1.64 -0.78
CA VAL A 17 9.91 0.94 -0.27
C VAL A 17 10.94 0.70 -1.37
N LEU A 18 10.46 0.33 -2.55
CA LEU A 18 11.34 0.06 -3.68
C LEU A 18 12.07 1.33 -4.10
N HIS A 19 11.39 2.46 -4.01
CA HIS A 19 11.98 3.74 -4.38
C HIS A 19 12.77 4.33 -3.21
N LYS A 20 12.23 4.20 -2.01
CA LYS A 20 12.88 4.71 -0.82
C LYS A 20 13.35 6.16 -1.02
N ASN A 1 -15.58 -3.35 5.84
CA ASN A 1 -15.22 -2.64 4.61
C ASN A 1 -14.66 -3.61 3.56
N SER A 2 -14.75 -3.21 2.29
CA SER A 2 -14.26 -4.06 1.21
C SER A 2 -12.74 -4.21 1.28
N GLY A 3 -12.03 -3.09 1.23
CA GLY A 3 -10.58 -3.13 1.29
C GLY A 3 -9.93 -2.12 0.37
N LEU A 4 -10.32 -0.86 0.52
CA LEU A 4 -9.77 0.21 -0.30
C LEU A 4 -8.62 0.92 0.42
N SER A 5 -8.79 1.14 1.72
CA SER A 5 -7.77 1.81 2.52
C SER A 5 -6.79 0.79 3.09
N PHE A 6 -6.98 -0.47 2.74
CA PHE A 6 -6.11 -1.53 3.23
C PHE A 6 -5.39 -2.23 2.07
N GLU A 7 -5.70 -1.79 0.85
CA GLU A 7 -5.09 -2.37 -0.35
C GLU A 7 -4.09 -1.41 -0.97
N LEU A 9 -2.79 0.66 0.84
CA LEU A 9 -2.01 0.78 2.08
C LEU A 9 -0.96 -0.32 2.17
N TYR A 10 -0.99 -1.24 1.21
CA TYR A 10 -0.04 -2.35 1.18
C TYR A 10 0.68 -2.41 -0.17
N ARG A 11 0.11 -1.75 -1.17
CA ARG A 11 0.71 -1.73 -2.50
C ARG A 11 1.35 -0.37 -2.79
N ALA A 13 2.37 1.39 -0.60
CA ALA A 13 3.41 1.27 0.42
C ALA A 13 4.60 0.47 -0.10
N TYR A 14 4.35 -0.78 -0.47
CA TYR A 14 5.40 -1.65 -0.99
C TYR A 14 6.17 -0.97 -2.12
N THR A 15 5.50 -0.04 -2.80
CA THR A 15 6.12 0.69 -3.90
C THR A 15 7.01 1.82 -3.39
N MET A 16 6.61 2.41 -2.26
CA MET A 16 7.38 3.51 -1.67
C MET A 16 8.57 2.97 -0.90
N VAL A 17 8.57 1.68 -0.62
CA VAL A 17 9.67 1.05 0.11
C VAL A 17 10.83 0.73 -0.81
N LEU A 18 10.52 0.23 -2.01
CA LEU A 18 11.54 -0.12 -2.99
C LEU A 18 12.32 1.12 -3.42
N HIS A 19 11.62 2.24 -3.53
CA HIS A 19 12.25 3.50 -3.92
C HIS A 19 12.88 4.20 -2.73
N LYS A 20 12.18 4.17 -1.59
CA LYS A 20 12.67 4.80 -0.38
C LYS A 20 13.16 6.23 -0.66
N ASN A 1 -16.10 -2.94 4.76
CA ASN A 1 -15.53 -4.28 4.64
C ASN A 1 -15.08 -4.55 3.20
N SER A 2 -14.69 -3.48 2.51
CA SER A 2 -14.23 -3.61 1.12
C SER A 2 -12.73 -3.88 1.07
N GLY A 3 -11.94 -2.90 1.49
CA GLY A 3 -10.50 -3.06 1.48
C GLY A 3 -9.81 -2.15 0.47
N LEU A 4 -10.20 -0.88 0.47
CA LEU A 4 -9.63 0.09 -0.45
C LEU A 4 -8.47 0.85 0.21
N SER A 5 -8.76 1.48 1.34
CA SER A 5 -7.74 2.24 2.07
C SER A 5 -6.64 1.32 2.57
N PHE A 6 -7.03 0.17 3.10
CA PHE A 6 -6.07 -0.80 3.63
C PHE A 6 -5.26 -1.42 2.50
N GLU A 7 -5.80 -1.38 1.28
CA GLU A 7 -5.13 -1.94 0.12
C GLU A 7 -4.09 -0.96 -0.43
N LEU A 9 -2.76 0.96 1.49
CA LEU A 9 -2.00 0.98 2.73
C LEU A 9 -0.97 -0.15 2.76
N TYR A 10 -1.02 -1.01 1.74
CA TYR A 10 -0.10 -2.13 1.64
C TYR A 10 0.63 -2.13 0.32
N ARG A 11 0.11 -1.37 -0.65
CA ARG A 11 0.71 -1.27 -1.97
C ARG A 11 1.41 0.07 -2.15
N ALA A 13 2.65 1.55 0.10
CA ALA A 13 3.75 1.27 1.01
C ALA A 13 4.83 0.44 0.32
N TYR A 14 4.47 -0.78 -0.06
CA TYR A 14 5.40 -1.69 -0.72
C TYR A 14 6.07 -1.01 -1.90
N THR A 15 5.38 -0.04 -2.50
CA THR A 15 5.90 0.69 -3.64
C THR A 15 6.90 1.76 -3.20
N MET A 16 6.66 2.33 -2.02
CA MET A 16 7.53 3.37 -1.48
C MET A 16 8.79 2.75 -0.86
N VAL A 17 8.75 1.44 -0.63
CA VAL A 17 9.87 0.73 -0.05
C VAL A 17 10.92 0.39 -1.10
N LEU A 18 10.45 -0.04 -2.27
CA LEU A 18 11.34 -0.40 -3.37
C LEU A 18 12.11 0.82 -3.86
N HIS A 19 11.46 1.98 -3.85
CA HIS A 19 12.09 3.22 -4.29
C HIS A 19 12.89 3.86 -3.17
N LYS A 20 12.30 3.87 -1.97
CA LYS A 20 12.95 4.47 -0.81
C LYS A 20 13.51 5.85 -1.14
N ASN A 1 -16.30 -1.25 3.66
CA ASN A 1 -15.41 -2.00 4.55
C ASN A 1 -14.72 -3.13 3.79
N SER A 2 -14.40 -2.88 2.52
CA SER A 2 -13.74 -3.88 1.69
C SER A 2 -12.24 -3.88 1.93
N GLY A 3 -11.62 -2.71 1.75
CA GLY A 3 -10.18 -2.60 1.96
C GLY A 3 -9.55 -1.57 1.03
N LEU A 4 -10.20 -0.41 0.91
CA LEU A 4 -9.69 0.65 0.04
C LEU A 4 -8.52 1.37 0.70
N SER A 5 -8.58 1.51 2.03
CA SER A 5 -7.52 2.18 2.77
C SER A 5 -6.52 1.16 3.31
N PHE A 6 -6.71 -0.11 2.96
CA PHE A 6 -5.81 -1.17 3.42
C PHE A 6 -5.09 -1.81 2.23
N GLU A 7 -5.60 -1.56 1.02
CA GLU A 7 -5.01 -2.11 -0.18
C GLU A 7 -4.02 -1.13 -0.81
N LEU A 9 -2.61 0.83 1.00
CA LEU A 9 -1.75 0.87 2.18
C LEU A 9 -0.74 -0.27 2.16
N TYR A 10 -0.87 -1.14 1.17
CA TYR A 10 0.03 -2.28 1.03
C TYR A 10 0.70 -2.29 -0.35
N ARG A 11 0.11 -1.56 -1.29
CA ARG A 11 0.63 -1.48 -2.64
C ARG A 11 1.32 -0.14 -2.88
N ALA A 13 2.44 1.48 -0.61
CA ALA A 13 3.48 1.29 0.40
C ALA A 13 4.65 0.50 -0.17
N TYR A 14 4.38 -0.72 -0.63
CA TYR A 14 5.41 -1.58 -1.20
C TYR A 14 6.18 -0.85 -2.29
N THR A 15 5.54 0.13 -2.91
CA THR A 15 6.15 0.91 -3.98
C THR A 15 7.06 1.99 -3.41
N MET A 16 6.68 2.52 -2.26
CA MET A 16 7.47 3.57 -1.60
C MET A 16 8.68 2.97 -0.88
N VAL A 17 8.64 1.67 -0.68
CA VAL A 17 9.73 0.97 0.01
C VAL A 17 10.89 0.69 -0.94
N LEU A 18 10.55 0.27 -2.16
CA LEU A 18 11.55 -0.04 -3.17
C LEU A 18 12.35 1.20 -3.54
N HIS A 19 11.68 2.34 -3.57
CA HIS A 19 12.33 3.61 -3.91
C HIS A 19 12.98 4.23 -2.68
N LYS A 20 12.29 4.14 -1.54
CA LYS A 20 12.81 4.70 -0.29
C LYS A 20 13.32 6.11 -0.50
N ASN A 1 -16.42 -3.39 5.16
CA ASN A 1 -15.56 -2.76 4.18
C ASN A 1 -15.19 -3.74 3.07
N SER A 2 -14.52 -3.24 2.04
CA SER A 2 -14.10 -4.08 0.91
C SER A 2 -12.60 -4.32 0.94
N GLY A 3 -11.84 -3.23 1.04
CA GLY A 3 -10.39 -3.35 1.07
C GLY A 3 -9.72 -2.42 0.08
N LEU A 4 -10.11 -1.15 0.11
CA LEU A 4 -9.54 -0.16 -0.80
C LEU A 4 -8.41 0.62 -0.11
N SER A 5 -8.73 1.24 1.01
CA SER A 5 -7.75 2.01 1.77
C SER A 5 -6.63 1.10 2.28
N PHE A 6 -7.01 -0.05 2.81
CA PHE A 6 -6.04 -1.00 3.34
C PHE A 6 -5.19 -1.61 2.21
N GLU A 7 -5.72 -1.55 1.00
CA GLU A 7 -5.02 -2.09 -0.16
C GLU A 7 -3.98 -1.09 -0.68
N LEU A 9 -2.73 0.81 1.28
CA LEU A 9 -1.97 0.83 2.53
C LEU A 9 -0.93 -0.29 2.56
N TYR A 10 -0.96 -1.13 1.53
CA TYR A 10 -0.02 -2.25 1.43
C TYR A 10 0.74 -2.21 0.12
N ARG A 11 0.22 -1.44 -0.84
CA ARG A 11 0.85 -1.32 -2.15
C ARG A 11 1.54 0.04 -2.30
N ALA A 13 2.71 1.50 0.01
CA ALA A 13 3.81 1.22 0.93
C ALA A 13 4.90 0.41 0.26
N TYR A 14 4.56 -0.81 -0.15
CA TYR A 14 5.52 -1.69 -0.82
C TYR A 14 6.21 -0.98 -1.98
N THR A 15 5.50 -0.01 -2.56
CA THR A 15 6.05 0.75 -3.68
C THR A 15 7.02 1.82 -3.20
N MET A 16 6.75 2.36 -2.02
CA MET A 16 7.61 3.40 -1.45
C MET A 16 8.86 2.80 -0.83
N VAL A 17 8.82 1.48 -0.61
CA VAL A 17 9.95 0.78 -0.01
C VAL A 17 11.02 0.47 -1.06
N LEU A 18 10.57 0.06 -2.25
CA LEU A 18 11.49 -0.28 -3.33
C LEU A 18 12.26 0.95 -3.79
N HIS A 19 11.59 2.11 -3.77
CA HIS A 19 12.21 3.35 -4.19
C HIS A 19 12.98 3.99 -3.04
N LYS A 20 12.37 3.98 -1.85
CA LYS A 20 13.00 4.56 -0.67
C LYS A 20 13.53 5.96 -0.95
N ASN A 1 -13.01 -2.77 8.13
CA ASN A 1 -12.35 -2.96 6.84
C ASN A 1 -13.02 -2.12 5.75
N SER A 2 -12.48 -2.19 4.54
CA SER A 2 -13.03 -1.43 3.41
C SER A 2 -12.55 -2.02 2.09
N GLY A 3 -11.24 -2.19 1.96
CA GLY A 3 -10.69 -2.75 0.73
C GLY A 3 -9.89 -1.73 -0.06
N LEU A 4 -10.55 -0.63 -0.42
CA LEU A 4 -9.91 0.43 -1.19
C LEU A 4 -8.86 1.15 -0.35
N SER A 5 -9.16 1.33 0.93
CA SER A 5 -8.23 2.01 1.84
C SER A 5 -7.31 1.00 2.54
N PHE A 6 -7.47 -0.27 2.17
CA PHE A 6 -6.66 -1.33 2.76
C PHE A 6 -5.81 -2.02 1.70
N GLU A 7 -6.00 -1.62 0.44
CA GLU A 7 -5.26 -2.20 -0.67
C GLU A 7 -4.20 -1.23 -1.18
N LEU A 9 -3.12 0.85 0.73
CA LEU A 9 -2.47 0.99 2.04
C LEU A 9 -1.43 -0.10 2.25
N TYR A 10 -1.36 -1.04 1.30
CA TYR A 10 -0.39 -2.13 1.38
C TYR A 10 0.47 -2.18 0.12
N ARG A 11 0.01 -1.51 -0.93
CA ARG A 11 0.74 -1.48 -2.20
C ARG A 11 1.42 -0.14 -2.40
N ALA A 13 2.39 1.53 -0.16
CA ALA A 13 3.41 1.35 0.88
C ALA A 13 4.56 0.50 0.35
N TYR A 14 4.27 -0.75 0.03
CA TYR A 14 5.29 -1.67 -0.48
C TYR A 14 6.06 -1.04 -1.64
N THR A 15 5.40 -0.14 -2.36
CA THR A 15 6.02 0.53 -3.49
C THR A 15 6.93 1.67 -3.03
N MET A 16 6.56 2.30 -1.92
CA MET A 16 7.36 3.40 -1.37
C MET A 16 8.56 2.87 -0.61
N VAL A 17 8.53 1.59 -0.28
CA VAL A 17 9.63 0.95 0.45
C VAL A 17 10.77 0.57 -0.48
N LEU A 18 10.42 0.05 -1.65
CA LEU A 18 11.42 -0.36 -2.63
C LEU A 18 12.22 0.85 -3.13
N HIS A 19 11.55 1.98 -3.25
CA HIS A 19 12.20 3.21 -3.71
C HIS A 19 12.87 3.94 -2.55
N LYS A 20 12.19 3.96 -1.40
CA LYS A 20 12.72 4.63 -0.22
C LYS A 20 13.24 6.02 -0.56
N ASN A 1 -17.37 -3.16 4.64
CA ASN A 1 -16.10 -2.52 4.33
C ASN A 1 -15.72 -2.75 2.88
N SER A 2 -14.83 -1.89 2.36
CA SER A 2 -14.38 -2.01 0.98
C SER A 2 -12.99 -2.60 0.91
N GLY A 3 -12.04 -1.95 1.57
CA GLY A 3 -10.67 -2.44 1.58
C GLY A 3 -9.76 -1.63 0.66
N LEU A 4 -10.22 -0.45 0.27
CA LEU A 4 -9.46 0.43 -0.61
C LEU A 4 -8.52 1.31 0.19
N SER A 5 -8.58 1.20 1.51
CA SER A 5 -7.74 2.00 2.39
C SER A 5 -6.59 1.15 2.96
N PHE A 6 -6.92 -0.08 3.35
CA PHE A 6 -5.93 -0.99 3.91
C PHE A 6 -5.09 -1.63 2.81
N GLU A 7 -5.59 -1.57 1.58
CA GLU A 7 -4.89 -2.15 0.43
C GLU A 7 -3.92 -1.15 -0.17
N LEU A 9 -2.66 0.91 1.63
CA LEU A 9 -1.86 1.01 2.85
C LEU A 9 -0.81 -0.10 2.90
N TYR A 10 -0.87 -1.00 1.93
CA TYR A 10 0.08 -2.11 1.85
C TYR A 10 0.76 -2.16 0.49
N ARG A 11 0.19 -1.46 -0.48
CA ARG A 11 0.75 -1.42 -1.82
C ARG A 11 1.41 -0.07 -2.11
N ALA A 13 2.63 1.58 0.04
CA ALA A 13 3.75 1.38 0.95
C ALA A 13 4.85 0.55 0.31
N TYR A 14 4.53 -0.69 -0.03
CA TYR A 14 5.48 -1.59 -0.65
C TYR A 14 6.15 -0.94 -1.86
N THR A 15 5.42 -0.01 -2.48
CA THR A 15 5.94 0.69 -3.65
C THR A 15 6.90 1.80 -3.26
N MET A 16 6.65 2.42 -2.10
CA MET A 16 7.49 3.49 -1.60
C MET A 16 8.76 2.93 -0.96
N VAL A 17 8.76 1.64 -0.67
CA VAL A 17 9.90 0.98 -0.05
C VAL A 17 10.95 0.63 -1.10
N LEU A 18 10.50 0.14 -2.26
CA LEU A 18 11.40 -0.23 -3.33
C LEU A 18 12.14 0.99 -3.88
N HIS A 19 11.46 2.12 -3.91
CA HIS A 19 12.05 3.36 -4.40
C HIS A 19 12.82 4.07 -3.29
N LYS A 20 12.23 4.11 -2.10
CA LYS A 20 12.87 4.77 -0.95
C LYS A 20 13.38 6.15 -1.33
N ASN A 1 -15.67 0.43 2.72
CA ASN A 1 -14.82 0.15 3.88
C ASN A 1 -14.40 -1.32 3.90
N SER A 2 -14.22 -1.89 2.73
CA SER A 2 -13.83 -3.29 2.61
C SER A 2 -12.31 -3.43 2.73
N GLY A 3 -11.59 -2.82 1.80
CA GLY A 3 -10.15 -2.89 1.81
C GLY A 3 -9.51 -1.79 0.99
N LEU A 4 -10.22 -0.68 0.82
CA LEU A 4 -9.71 0.45 0.05
C LEU A 4 -8.49 1.08 0.74
N SER A 5 -8.52 1.12 2.06
CA SER A 5 -7.43 1.69 2.83
C SER A 5 -6.41 0.61 3.21
N PHE A 6 -6.67 -0.62 2.78
CA PHE A 6 -5.78 -1.74 3.07
C PHE A 6 -5.17 -2.29 1.79
N GLU A 7 -5.60 -1.76 0.66
CA GLU A 7 -5.09 -2.21 -0.64
C GLU A 7 -4.11 -1.19 -1.22
N LEU A 9 -2.61 0.62 0.70
CA LEU A 9 -1.72 0.56 1.86
C LEU A 9 -0.74 -0.59 1.74
N TYR A 10 -0.89 -1.39 0.68
CA TYR A 10 -0.01 -2.52 0.45
C TYR A 10 0.67 -2.43 -0.92
N ARG A 11 0.06 -1.64 -1.82
CA ARG A 11 0.60 -1.46 -3.16
C ARG A 11 1.25 -0.08 -3.30
N ALA A 13 2.27 1.38 -0.86
CA ALA A 13 3.27 1.16 0.18
C ALA A 13 4.50 0.46 -0.38
N TYR A 14 4.29 -0.74 -0.92
CA TYR A 14 5.40 -1.52 -1.50
C TYR A 14 6.19 -0.68 -2.50
N THR A 15 5.53 0.30 -3.09
CA THR A 15 6.17 1.18 -4.06
C THR A 15 7.00 2.25 -3.37
N MET A 16 6.55 2.69 -2.21
CA MET A 16 7.25 3.71 -1.45
C MET A 16 8.44 3.11 -0.69
N VAL A 17 8.45 1.79 -0.58
CA VAL A 17 9.53 1.09 0.11
C VAL A 17 10.74 0.91 -0.80
N LEU A 18 10.48 0.57 -2.06
CA LEU A 18 11.56 0.36 -3.03
C LEU A 18 12.32 1.66 -3.27
N HIS A 19 11.61 2.77 -3.25
CA HIS A 19 12.22 4.09 -3.47
C HIS A 19 12.79 4.65 -2.17
N LYS A 20 12.05 4.46 -1.08
CA LYS A 20 12.47 4.93 0.24
C LYS A 20 12.94 6.38 0.15
N ASN A 1 -16.08 -1.10 4.03
CA ASN A 1 -14.65 -1.29 4.25
C ASN A 1 -14.22 -2.71 3.89
N SER A 2 -14.18 -3.00 2.59
CA SER A 2 -13.80 -4.32 2.11
C SER A 2 -12.28 -4.46 2.08
N GLY A 3 -11.62 -3.48 1.47
CA GLY A 3 -10.17 -3.51 1.38
C GLY A 3 -9.63 -2.50 0.38
N LEU A 4 -10.07 -1.25 0.52
CA LEU A 4 -9.62 -0.19 -0.39
C LEU A 4 -8.55 0.67 0.27
N SER A 5 -8.68 0.88 1.57
CA SER A 5 -7.73 1.68 2.32
C SER A 5 -6.48 0.88 2.66
N PHE A 6 -6.68 -0.39 3.02
CA PHE A 6 -5.57 -1.27 3.36
C PHE A 6 -4.86 -1.77 2.10
N GLU A 7 -5.52 -1.63 0.97
CA GLU A 7 -4.96 -2.06 -0.31
C GLU A 7 -3.99 -1.02 -0.86
N LEU A 9 -2.61 0.93 1.11
CA LEU A 9 -1.72 0.88 2.27
C LEU A 9 -0.86 -0.38 2.24
N TYR A 10 -0.83 -1.05 1.09
CA TYR A 10 -0.06 -2.27 0.94
C TYR A 10 0.74 -2.24 -0.37
N ARG A 11 0.19 -1.58 -1.38
CA ARG A 11 0.84 -1.47 -2.67
C ARG A 11 1.47 -0.09 -2.86
N ALA A 13 2.47 1.51 -0.55
CA ALA A 13 3.52 1.34 0.45
C ALA A 13 4.69 0.57 -0.12
N TYR A 14 4.44 -0.65 -0.58
CA TYR A 14 5.48 -1.50 -1.15
C TYR A 14 6.24 -0.76 -2.25
N THR A 15 5.59 0.25 -2.84
CA THR A 15 6.20 1.04 -3.91
C THR A 15 7.10 2.12 -3.34
N MET A 16 6.72 2.65 -2.17
CA MET A 16 7.50 3.70 -1.52
C MET A 16 8.71 3.11 -0.79
N VAL A 17 8.68 1.79 -0.59
CA VAL A 17 9.77 1.11 0.10
C VAL A 17 10.93 0.84 -0.85
N LEU A 18 10.61 0.43 -2.07
CA LEU A 18 11.62 0.13 -3.07
C LEU A 18 12.43 1.39 -3.42
N HIS A 19 11.75 2.53 -3.45
CA HIS A 19 12.38 3.80 -3.76
C HIS A 19 13.04 4.40 -2.53
N LYS A 20 12.32 4.37 -1.41
CA LYS A 20 12.83 4.92 -0.16
C LYS A 20 13.39 6.32 -0.35
N ASN A 1 -13.96 -3.29 5.11
CA ASN A 1 -14.80 -4.33 4.53
C ASN A 1 -14.35 -4.67 3.11
N SER A 2 -14.43 -3.68 2.22
CA SER A 2 -14.03 -3.87 0.84
C SER A 2 -12.53 -4.15 0.73
N GLY A 3 -11.73 -3.21 1.22
CA GLY A 3 -10.29 -3.37 1.17
C GLY A 3 -9.63 -2.41 0.19
N LEU A 4 -10.00 -1.14 0.28
CA LEU A 4 -9.43 -0.12 -0.60
C LEU A 4 -8.31 0.64 0.09
N SER A 5 -8.62 1.24 1.24
CA SER A 5 -7.63 1.99 2.00
C SER A 5 -6.50 1.08 2.48
N PHE A 6 -6.86 -0.10 2.97
CA PHE A 6 -5.89 -1.06 3.47
C PHE A 6 -5.06 -1.62 2.32
N GLU A 7 -5.59 -1.55 1.11
CA GLU A 7 -4.91 -2.05 -0.07
C GLU A 7 -3.89 -1.04 -0.58
N LEU A 9 -2.62 0.85 1.42
CA LEU A 9 -1.86 0.84 2.67
C LEU A 9 -0.80 -0.26 2.67
N TYR A 10 -0.81 -1.08 1.61
CA TYR A 10 0.14 -2.17 1.49
C TYR A 10 0.86 -2.12 0.15
N ARG A 11 0.28 -1.37 -0.79
CA ARG A 11 0.86 -1.23 -2.12
C ARG A 11 1.52 0.13 -2.30
N ALA A 13 2.75 1.62 -0.06
CA ALA A 13 3.87 1.36 0.85
C ALA A 13 4.96 0.57 0.14
N TYR A 14 4.62 -0.65 -0.27
CA TYR A 14 5.58 -1.51 -0.96
C TYR A 14 6.24 -0.78 -2.13
N THR A 15 5.53 0.19 -2.69
CA THR A 15 6.04 0.97 -3.81
C THR A 15 7.01 2.05 -3.33
N MET A 16 6.75 2.58 -2.14
CA MET A 16 7.61 3.61 -1.57
C MET A 16 8.87 3.02 -0.98
N VAL A 17 8.86 1.70 -0.77
CA VAL A 17 10.01 1.00 -0.21
C VAL A 17 11.05 0.72 -1.28
N LEU A 18 10.60 0.29 -2.46
CA LEU A 18 11.50 -0.02 -3.56
C LEU A 18 12.27 1.22 -3.99
N HIS A 19 11.61 2.37 -3.95
CA HIS A 19 12.24 3.63 -4.34
C HIS A 19 13.03 4.22 -3.17
N LYS A 20 12.44 4.18 -1.98
CA LYS A 20 13.10 4.72 -0.80
C LYS A 20 13.62 6.13 -1.04
#